data_7QFD
#
_entry.id   7QFD
#
_cell.length_a   78.256
_cell.length_b   78.489
_cell.length_c   150.193
_cell.angle_alpha   90.000
_cell.angle_beta   90.000
_cell.angle_gamma   90.000
#
_symmetry.space_group_name_H-M   'C 2 2 21'
#
loop_
_entity.id
_entity.type
_entity.pdbx_description
1 polymer 'GMC oxidoreductase family protein'
2 non-polymer 'FLAVIN-ADENINE DINUCLEOTIDE'
3 non-polymer alpha-D-glucopyranose
4 non-polymer 'SULFATE ION'
5 non-polymer 2-AMINO-2-HYDROXYMETHYL-PROPANE-1,3-DIOL
6 water water
#
_entity_poly.entity_id   1
_entity_poly.type   'polypeptide(L)'
_entity_poly.pdbx_seq_one_letter_code
;MSGHRYPAAVDVAIVGSGPTASAYARILSEEAPGATIAMFEVGPTVSNPPGAHVKNIEDPDSRSLAQRASEGPGAGAATV
NSPGAVKSGERRARPGTYLLQDGYAFPGEDGMPVAAMSSNVGGMAAHWTAACPRPGGKERIPFLPDLEELLNDADRLLGV
TTHAFDGAPFSDLVRERLAAVVDQGRTPAFRVQPMPLAVHRRQDGALVWSGSDVVMGEATRDNPQFELFDESLVTRVLVE
DGTAAGVEVQDRRSGDTYQVAARYVVVGADALRTPQLLWASGIRPDALGRYLNDQAQVVFASRLRDVQPEDAPAAANGAL
SEQSGVAWVPYTDEAPFHGQIMQLDASPVPLADDDPIVPGSIVGLGLFCAKDLQREDRVAFDDDTRDSYGLPAMRIHYRL
TERDHVVLDRARQEIVRLGKAVGEPLDERPFVLPPGASLHYQGTTRMGETDDGESVCSPDSQVWQVPGLFVAGNGVIPTA
TACNPTLTSVALAVRGARKIAEEITSSLLMSESDNRLSK
;
_entity_poly.pdbx_strand_id   A
#
loop_
_chem_comp.id
_chem_comp.type
_chem_comp.name
_chem_comp.formula
FAD non-polymer 'FLAVIN-ADENINE DINUCLEOTIDE' 'C27 H33 N9 O15 P2'
GLC D-saccharide, alpha linking alpha-D-glucopyranose 'C6 H12 O6'
SO4 non-polymer 'SULFATE ION' 'O4 S -2'
TRS non-polymer 2-AMINO-2-HYDROXYMETHYL-PROPANE-1,3-DIOL 'C4 H12 N O3 1'
#
# COMPACT_ATOMS: atom_id res chain seq x y z
N ARG A 5 -2.30 -10.64 28.35
CA ARG A 5 -1.42 -9.68 27.69
C ARG A 5 -2.22 -8.54 27.06
N TYR A 6 -3.35 -8.88 26.46
CA TYR A 6 -4.21 -7.90 25.82
C TYR A 6 -5.34 -7.48 26.76
N PRO A 7 -5.95 -6.33 26.52
CA PRO A 7 -7.15 -5.96 27.29
C PRO A 7 -8.31 -6.87 26.92
N ALA A 8 -9.47 -6.66 27.56
CA ALA A 8 -10.66 -7.45 27.22
C ALA A 8 -11.50 -6.77 26.14
N ALA A 9 -11.61 -5.45 26.19
CA ALA A 9 -12.40 -4.71 25.22
C ALA A 9 -11.77 -3.35 25.00
N VAL A 10 -12.04 -2.78 23.82
CA VAL A 10 -11.59 -1.44 23.46
C VAL A 10 -12.67 -0.79 22.61
N ASP A 11 -12.50 0.50 22.35
CA ASP A 11 -13.42 1.18 21.45
C ASP A 11 -13.13 0.85 19.99
N VAL A 12 -11.87 0.62 19.65
CA VAL A 12 -11.48 0.37 18.27
C VAL A 12 -10.32 -0.61 18.25
N ALA A 13 -10.46 -1.68 17.49
CA ALA A 13 -9.40 -2.66 17.26
C ALA A 13 -8.88 -2.51 15.84
N ILE A 14 -7.56 -2.41 15.71
CA ILE A 14 -6.91 -2.19 14.42
C ILE A 14 -6.05 -3.40 14.10
N VAL A 15 -6.36 -4.05 12.97
CA VAL A 15 -5.59 -5.21 12.50
C VAL A 15 -4.54 -4.70 11.52
N GLY A 16 -3.27 -4.82 11.90
CA GLY A 16 -2.17 -4.39 11.07
C GLY A 16 -1.60 -3.05 11.51
N SER A 17 -0.33 -2.83 11.15
CA SER A 17 0.38 -1.62 11.52
C SER A 17 0.97 -0.90 10.31
N GLY A 18 0.41 -1.13 9.13
CA GLY A 18 0.88 -0.47 7.94
C GLY A 18 0.57 1.01 7.97
N PRO A 19 0.92 1.71 6.87
CA PRO A 19 0.65 3.15 6.82
C PRO A 19 -0.82 3.49 6.86
N THR A 20 -1.68 2.67 6.25
CA THR A 20 -3.11 2.96 6.28
C THR A 20 -3.68 2.71 7.67
N ALA A 21 -3.36 1.57 8.27
CA ALA A 21 -3.84 1.27 9.62
C ALA A 21 -3.38 2.33 10.61
N SER A 22 -2.11 2.75 10.51
CA SER A 22 -1.60 3.80 11.38
C SER A 22 -2.26 5.15 11.11
N ALA A 23 -2.85 5.34 9.93
CA ALA A 23 -3.63 6.54 9.68
C ALA A 23 -4.92 6.52 10.51
N TYR A 24 -5.55 5.36 10.64
CA TYR A 24 -6.71 5.24 11.51
C TYR A 24 -6.34 5.56 12.95
N ALA A 25 -5.22 5.02 13.43
CA ALA A 25 -4.75 5.37 14.76
C ALA A 25 -4.45 6.86 14.85
N ARG A 26 -3.92 7.45 13.79
CA ARG A 26 -3.60 8.86 13.76
C ARG A 26 -4.85 9.72 13.93
N ILE A 27 -5.74 9.68 12.95
CA ILE A 27 -6.94 10.52 12.98
C ILE A 27 -7.75 10.25 14.25
N LEU A 28 -7.87 8.99 14.63
CA LEU A 28 -8.58 8.65 15.86
C LEU A 28 -7.88 9.23 17.08
N SER A 29 -6.55 9.10 17.13
CA SER A 29 -5.80 9.57 18.29
C SER A 29 -5.93 11.07 18.46
N GLU A 30 -5.96 11.82 17.36
CA GLU A 30 -6.03 13.27 17.47
C GLU A 30 -7.44 13.82 17.35
N GLU A 31 -8.40 13.04 16.85
CA GLU A 31 -9.78 13.49 16.74
C GLU A 31 -10.70 12.91 17.80
N ALA A 32 -10.48 11.65 18.20
CA ALA A 32 -11.25 10.99 19.26
C ALA A 32 -10.31 10.61 20.38
N PRO A 33 -9.74 11.59 21.08
CA PRO A 33 -8.67 11.31 22.06
C PRO A 33 -9.12 10.46 23.24
N GLY A 34 -10.42 10.27 23.44
CA GLY A 34 -10.89 9.50 24.59
C GLY A 34 -10.96 8.01 24.35
N ALA A 35 -11.36 7.62 23.14
CA ALA A 35 -11.56 6.21 22.83
C ALA A 35 -10.29 5.41 23.07
N THR A 36 -10.47 4.13 23.36
CA THR A 36 -9.37 3.20 23.57
C THR A 36 -9.10 2.43 22.29
N ILE A 37 -7.82 2.20 22.00
CA ILE A 37 -7.39 1.64 20.74
C ILE A 37 -6.37 0.54 20.99
N ALA A 38 -6.53 -0.59 20.31
CA ALA A 38 -5.59 -1.71 20.38
C ALA A 38 -5.19 -2.08 18.96
N MET A 39 -3.93 -1.84 18.61
CA MET A 39 -3.39 -2.18 17.31
C MET A 39 -2.64 -3.50 17.42
N PHE A 40 -3.01 -4.47 16.59
CA PHE A 40 -2.45 -5.82 16.65
C PHE A 40 -1.66 -6.09 15.38
N GLU A 41 -0.35 -6.29 15.52
CA GLU A 41 0.54 -6.56 14.40
C GLU A 41 1.15 -7.94 14.57
N VAL A 42 1.06 -8.76 13.53
CA VAL A 42 1.59 -10.13 13.61
C VAL A 42 3.11 -10.10 13.73
N GLY A 43 3.77 -9.31 12.89
CA GLY A 43 5.22 -9.27 12.86
C GLY A 43 5.79 -8.52 14.04
N PRO A 44 7.10 -8.62 14.19
CA PRO A 44 7.77 -8.01 15.34
C PRO A 44 8.03 -6.53 15.12
N THR A 45 8.51 -5.89 16.19
CA THR A 45 8.96 -4.50 16.14
C THR A 45 10.41 -4.47 15.71
N VAL A 46 10.69 -3.85 14.56
CA VAL A 46 11.99 -3.94 13.92
C VAL A 46 12.68 -2.57 13.83
N SER A 47 12.13 -1.54 14.47
CA SER A 47 12.70 -0.21 14.38
C SER A 47 12.26 0.60 15.60
N ASN A 48 12.76 1.83 15.69
CA ASN A 48 12.43 2.74 16.78
C ASN A 48 12.37 4.16 16.28
N PRO A 49 11.24 4.87 16.46
CA PRO A 49 10.04 4.32 17.10
C PRO A 49 9.42 3.19 16.29
N PRO A 50 8.48 2.46 16.88
CA PRO A 50 7.84 1.35 16.16
C PRO A 50 7.33 1.79 14.80
N GLY A 51 7.66 1.03 13.78
CA GLY A 51 7.29 1.36 12.42
C GLY A 51 8.28 2.25 11.68
N ALA A 52 9.36 2.67 12.34
CA ALA A 52 10.36 3.48 11.66
C ALA A 52 10.93 2.74 10.46
N HIS A 53 11.50 3.50 9.54
CA HIS A 53 12.04 2.91 8.31
C HIS A 53 13.42 2.31 8.56
N VAL A 54 13.67 1.16 7.94
CA VAL A 54 14.91 0.43 8.18
C VAL A 54 16.12 1.19 7.62
N LYS A 55 15.93 1.90 6.50
CA LYS A 55 17.03 2.68 5.94
C LYS A 55 17.64 3.65 6.95
N ASN A 56 16.89 4.01 7.99
CA ASN A 56 17.34 4.95 9.01
C ASN A 56 18.17 4.29 10.10
N ILE A 57 18.37 2.97 10.05
CA ILE A 57 19.23 2.28 10.99
C ILE A 57 20.65 2.37 10.46
N GLU A 58 21.51 3.12 11.16
CA GLU A 58 22.86 3.39 10.66
C GLU A 58 23.62 2.10 10.40
N ASP A 59 23.72 1.23 11.40
CA ASP A 59 24.50 0.01 11.29
C ASP A 59 23.95 -0.88 10.18
N PRO A 60 24.74 -1.22 9.16
CA PRO A 60 24.23 -2.11 8.10
C PRO A 60 24.02 -3.55 8.55
N ASP A 61 24.46 -3.92 9.75
CA ASP A 61 24.13 -5.23 10.30
C ASP A 61 22.82 -5.21 11.07
N SER A 62 22.60 -4.17 11.87
CA SER A 62 21.31 -4.01 12.53
C SER A 62 20.20 -3.82 11.51
N ARG A 63 20.52 -3.30 10.32
CA ARG A 63 19.51 -3.08 9.30
C ARG A 63 19.14 -4.37 8.58
N SER A 64 20.13 -5.23 8.31
CA SER A 64 19.84 -6.50 7.66
C SER A 64 18.99 -7.40 8.56
N LEU A 65 19.37 -7.54 9.83
CA LEU A 65 18.56 -8.31 10.76
C LEU A 65 17.18 -7.71 10.94
N ALA A 66 17.09 -6.37 10.89
CA ALA A 66 15.78 -5.73 10.93
C ALA A 66 14.95 -6.08 9.70
N GLN A 67 15.60 -6.37 8.57
CA GLN A 67 14.89 -6.74 7.36
C GLN A 67 14.45 -8.19 7.39
N ARG A 68 15.37 -9.11 7.71
CA ARG A 68 15.03 -10.52 7.72
C ARG A 68 13.96 -10.84 8.75
N ALA A 69 13.90 -10.06 9.84
CA ALA A 69 12.83 -10.23 10.82
C ALA A 69 11.47 -9.91 10.22
N SER A 70 11.42 -9.10 9.17
CA SER A 70 10.17 -8.71 8.51
C SER A 70 9.74 -9.70 7.43
N GLU A 71 10.59 -10.66 7.07
CA GLU A 71 10.28 -11.64 6.04
C GLU A 71 9.40 -12.79 6.55
N GLY A 72 8.72 -12.58 7.67
CA GLY A 72 7.75 -13.53 8.19
C GLY A 72 8.19 -14.98 8.10
N PRO A 73 7.40 -15.80 7.40
CA PRO A 73 7.72 -17.23 7.30
C PRO A 73 8.86 -17.55 6.37
N GLY A 74 9.20 -16.65 5.44
CA GLY A 74 10.31 -16.87 4.54
C GLY A 74 11.64 -16.43 5.13
N ALA A 75 11.86 -16.77 6.39
CA ALA A 75 13.10 -16.40 7.09
C ALA A 75 14.11 -17.53 7.07
N GLY A 76 14.41 -18.04 5.87
CA GLY A 76 15.37 -19.12 5.72
C GLY A 76 16.15 -19.01 4.43
N GLU A 90 13.50 -13.84 -12.74
CA GLU A 90 13.69 -14.73 -11.60
C GLU A 90 12.54 -14.55 -10.61
N ARG A 91 12.58 -15.30 -9.50
CA ARG A 91 11.48 -15.30 -8.52
C ARG A 91 12.09 -15.23 -7.11
N ARG A 92 12.42 -14.01 -6.68
CA ARG A 92 12.84 -13.75 -5.31
C ARG A 92 12.32 -12.40 -4.88
N ALA A 93 12.19 -12.20 -3.57
CA ALA A 93 11.59 -11.01 -3.00
C ALA A 93 12.65 -10.08 -2.46
N ARG A 94 12.30 -8.79 -2.41
CA ARG A 94 13.18 -7.79 -1.83
C ARG A 94 13.32 -8.02 -0.33
N PRO A 95 14.39 -7.50 0.28
CA PRO A 95 14.48 -7.56 1.74
C PRO A 95 13.27 -6.91 2.39
N GLY A 96 12.93 -7.39 3.58
CA GLY A 96 11.72 -6.96 4.25
C GLY A 96 10.42 -7.49 3.68
N THR A 97 10.49 -8.40 2.70
CA THR A 97 9.29 -8.97 2.09
C THR A 97 9.54 -10.45 1.80
N TYR A 98 8.43 -11.18 1.66
CA TYR A 98 8.48 -12.61 1.37
C TYR A 98 7.38 -12.98 0.40
N LEU A 99 7.62 -14.03 -0.37
CA LEU A 99 6.71 -14.47 -1.42
C LEU A 99 5.82 -15.61 -0.92
N LEU A 100 4.91 -16.05 -1.80
CA LEU A 100 4.00 -17.15 -1.47
C LEU A 100 4.67 -18.50 -1.72
N GLN A 101 4.26 -19.49 -0.92
CA GLN A 101 4.78 -20.85 -1.11
C GLN A 101 4.31 -21.43 -2.43
N ASP A 102 3.02 -21.34 -2.70
CA ASP A 102 2.43 -21.86 -3.94
C ASP A 102 1.11 -21.13 -4.16
N GLY A 103 0.48 -21.43 -5.30
CA GLY A 103 -0.77 -20.79 -5.62
C GLY A 103 -0.66 -19.38 -6.14
N TYR A 104 0.52 -18.95 -6.56
CA TYR A 104 0.70 -17.63 -7.15
C TYR A 104 0.43 -17.65 -8.65
N ALA A 105 0.99 -18.63 -9.36
CA ALA A 105 0.74 -18.81 -10.78
C ALA A 105 -0.05 -20.10 -10.99
N PHE A 106 -0.76 -20.16 -12.11
CA PHE A 106 -1.59 -21.30 -12.45
C PHE A 106 -1.55 -21.52 -13.95
N PRO A 107 -1.90 -22.72 -14.40
CA PRO A 107 -1.93 -23.00 -15.84
C PRO A 107 -3.06 -22.23 -16.52
N GLY A 108 -2.73 -21.61 -17.65
CA GLY A 108 -3.67 -20.77 -18.35
C GLY A 108 -3.74 -19.34 -17.86
N GLU A 109 -3.01 -19.00 -16.80
CA GLU A 109 -3.01 -17.66 -16.24
C GLU A 109 -1.57 -17.20 -16.04
N ASP A 110 -1.43 -15.90 -15.74
CA ASP A 110 -0.12 -15.32 -15.47
C ASP A 110 0.25 -15.46 -13.99
N GLY A 111 -0.65 -15.07 -13.09
CA GLY A 111 -0.38 -15.11 -11.67
C GLY A 111 0.54 -13.98 -11.24
N MET A 112 0.86 -13.98 -9.94
CA MET A 112 1.76 -13.00 -9.35
C MET A 112 2.91 -13.74 -8.66
N PRO A 113 3.83 -14.31 -9.43
CA PRO A 113 4.96 -15.02 -8.82
C PRO A 113 5.76 -14.18 -7.85
N VAL A 114 5.85 -12.87 -8.08
CA VAL A 114 6.69 -12.00 -7.27
C VAL A 114 5.84 -11.15 -6.32
N ALA A 115 4.60 -11.55 -6.06
CA ALA A 115 3.77 -10.84 -5.09
C ALA A 115 4.31 -11.10 -3.69
N ALA A 116 4.69 -10.04 -2.99
CA ALA A 116 5.35 -10.14 -1.70
C ALA A 116 4.52 -9.48 -0.61
N MET A 117 4.94 -9.71 0.64
CA MET A 117 4.28 -9.15 1.80
C MET A 117 5.34 -8.85 2.86
N SER A 118 4.91 -8.15 3.92
CA SER A 118 5.78 -7.82 5.04
C SER A 118 5.06 -8.09 6.34
N SER A 119 5.80 -8.58 7.33
CA SER A 119 5.26 -8.93 8.64
C SER A 119 6.16 -8.28 9.69
N ASN A 120 5.77 -7.08 10.14
CA ASN A 120 6.58 -6.30 11.06
C ASN A 120 5.82 -5.03 11.38
N VAL A 121 6.11 -4.45 12.54
CA VAL A 121 5.51 -3.17 12.90
C VAL A 121 5.92 -2.13 11.87
N GLY A 122 4.94 -1.49 11.26
CA GLY A 122 5.15 -0.54 10.19
C GLY A 122 4.75 -1.04 8.83
N GLY A 123 4.57 -2.35 8.67
CA GLY A 123 4.22 -2.92 7.38
C GLY A 123 5.30 -2.67 6.35
N MET A 124 4.88 -2.65 5.08
CA MET A 124 5.78 -2.28 4.00
C MET A 124 6.20 -0.82 4.07
N ALA A 125 5.45 0.01 4.82
CA ALA A 125 5.86 1.39 5.00
C ALA A 125 7.21 1.51 5.70
N ALA A 126 7.67 0.43 6.33
CA ALA A 126 9.00 0.36 6.91
C ALA A 126 10.07 -0.06 5.90
N HIS A 127 9.70 -0.19 4.62
CA HIS A 127 10.64 -0.60 3.59
C HIS A 127 10.48 0.14 2.27
N TRP A 128 9.40 0.90 2.07
CA TRP A 128 9.09 1.46 0.76
C TRP A 128 10.07 2.57 0.38
N THR A 129 9.81 3.19 -0.77
CA THR A 129 10.61 4.29 -1.29
C THR A 129 9.85 5.61 -1.31
N ALA A 130 8.73 5.70 -0.59
CA ALA A 130 8.17 6.98 -0.17
C ALA A 130 7.46 7.73 -1.30
N ALA A 131 7.57 7.27 -2.54
CA ALA A 131 6.89 7.93 -3.65
C ALA A 131 5.41 8.09 -3.35
N CYS A 132 4.88 9.29 -3.53
CA CYS A 132 3.49 9.62 -3.19
C CYS A 132 2.90 10.56 -4.23
N PRO A 133 2.60 10.06 -5.42
CA PRO A 133 1.99 10.91 -6.45
C PRO A 133 0.48 10.97 -6.31
N ARG A 134 -0.12 11.93 -7.03
CA ARG A 134 -1.56 12.10 -6.99
C ARG A 134 -2.21 11.38 -8.17
N PRO A 135 -3.45 10.93 -8.01
CA PRO A 135 -4.16 10.33 -9.14
C PRO A 135 -4.67 11.40 -10.11
N GLY A 136 -4.70 11.04 -11.38
CA GLY A 136 -5.15 11.95 -12.41
C GLY A 136 -6.07 11.25 -13.40
N GLY A 137 -6.95 12.03 -14.00
CA GLY A 137 -7.87 11.47 -14.96
C GLY A 137 -8.79 10.45 -14.31
N LYS A 138 -8.84 9.25 -14.89
CA LYS A 138 -9.68 8.18 -14.38
C LYS A 138 -9.05 7.42 -13.22
N GLU A 139 -7.88 7.85 -12.73
CA GLU A 139 -7.34 7.26 -11.50
C GLU A 139 -8.12 7.75 -10.28
N ARG A 140 -8.46 9.03 -10.26
CA ARG A 140 -9.19 9.59 -9.12
C ARG A 140 -10.56 8.93 -9.00
N ILE A 141 -11.01 8.78 -7.76
CA ILE A 141 -12.23 8.04 -7.45
C ILE A 141 -13.41 8.98 -7.60
N PRO A 142 -14.34 8.74 -8.54
CA PRO A 142 -15.37 9.74 -8.82
C PRO A 142 -16.27 10.04 -7.63
N PHE A 143 -16.76 9.01 -6.95
CA PHE A 143 -17.73 9.19 -5.86
C PHE A 143 -17.10 9.70 -4.58
N LEU A 144 -16.14 10.63 -4.69
CA LEU A 144 -15.50 11.24 -3.53
C LEU A 144 -15.30 12.72 -3.81
N PRO A 145 -16.28 13.55 -3.46
CA PRO A 145 -16.15 15.01 -3.73
C PRO A 145 -15.14 15.71 -2.84
N ASP A 146 -14.56 15.02 -1.86
CA ASP A 146 -13.53 15.61 -1.00
C ASP A 146 -12.17 14.97 -1.19
N LEU A 147 -11.99 14.21 -2.28
CA LEU A 147 -10.74 13.50 -2.51
C LEU A 147 -9.53 14.42 -2.38
N GLU A 148 -9.61 15.61 -2.94
CA GLU A 148 -8.50 16.54 -2.86
C GLU A 148 -8.19 16.91 -1.41
N GLU A 149 -9.22 17.04 -0.58
CA GLU A 149 -9.00 17.35 0.83
C GLU A 149 -8.32 16.18 1.55
N LEU A 150 -8.85 14.97 1.38
CA LEU A 150 -8.25 13.81 2.02
C LEU A 150 -6.84 13.58 1.51
N LEU A 151 -6.58 13.85 0.24
CA LEU A 151 -5.24 13.69 -0.31
C LEU A 151 -4.23 14.57 0.42
N ASN A 152 -4.60 15.82 0.70
CA ASN A 152 -3.68 16.72 1.40
C ASN A 152 -3.46 16.27 2.84
N ASP A 153 -4.51 15.74 3.48
CA ASP A 153 -4.31 15.14 4.80
C ASP A 153 -3.41 13.92 4.72
N ALA A 154 -3.52 13.15 3.63
CA ALA A 154 -2.58 12.07 3.40
C ALA A 154 -1.16 12.61 3.27
N ASP A 155 -1.01 13.82 2.75
CA ASP A 155 0.30 14.46 2.72
C ASP A 155 0.80 14.76 4.12
N ARG A 156 -0.06 15.35 4.96
CA ARG A 156 0.35 15.72 6.30
C ARG A 156 0.82 14.51 7.10
N LEU A 157 0.03 13.43 7.10
CA LEU A 157 0.36 12.27 7.93
C LEU A 157 1.68 11.65 7.51
N LEU A 158 1.95 11.60 6.21
CA LEU A 158 3.16 10.96 5.70
C LEU A 158 4.37 11.90 5.66
N GLY A 159 4.17 13.18 5.95
CA GLY A 159 5.27 14.12 5.83
C GLY A 159 5.79 14.26 4.41
N VAL A 160 4.89 14.32 3.43
CA VAL A 160 5.29 14.40 2.04
C VAL A 160 5.98 15.73 1.76
N THR A 161 6.95 15.71 0.86
CA THR A 161 7.65 16.91 0.44
C THR A 161 8.10 16.77 -1.00
N THR A 162 7.88 17.80 -1.80
CA THR A 162 8.36 17.85 -3.17
C THR A 162 9.72 18.53 -3.31
N HIS A 163 10.17 19.22 -2.26
CA HIS A 163 11.43 19.95 -2.28
C HIS A 163 12.49 19.28 -1.40
N ALA A 164 12.57 17.95 -1.47
CA ALA A 164 13.58 17.22 -0.72
C ALA A 164 14.94 17.22 -1.42
N PHE A 165 14.96 17.43 -2.73
CA PHE A 165 16.18 17.36 -3.53
C PHE A 165 16.34 18.64 -4.35
N ASP A 166 16.23 19.79 -3.69
CA ASP A 166 16.39 21.06 -4.39
C ASP A 166 17.85 21.35 -4.71
N GLY A 167 18.72 21.29 -3.69
CA GLY A 167 20.14 21.45 -3.95
C GLY A 167 20.73 20.36 -4.81
N ALA A 168 20.00 19.24 -4.98
CA ALA A 168 20.47 18.14 -5.79
C ALA A 168 20.98 18.64 -7.14
N PRO A 169 22.16 18.22 -7.59
CA PRO A 169 22.71 18.78 -8.83
C PRO A 169 21.99 18.30 -10.09
N PHE A 170 21.63 17.03 -10.15
CA PHE A 170 21.06 16.44 -11.35
C PHE A 170 19.54 16.39 -11.36
N SER A 171 18.89 16.61 -10.21
CA SER A 171 17.43 16.57 -10.18
C SER A 171 16.83 17.58 -11.15
N ASP A 172 17.46 18.75 -11.28
CA ASP A 172 16.95 19.77 -12.18
C ASP A 172 17.19 19.39 -13.64
N LEU A 173 18.39 18.90 -13.95
CA LEU A 173 18.70 18.54 -15.33
C LEU A 173 17.84 17.37 -15.80
N VAL A 174 17.67 16.36 -14.95
CA VAL A 174 16.81 15.23 -15.31
C VAL A 174 15.39 15.70 -15.60
N ARG A 175 14.87 16.61 -14.76
CA ARG A 175 13.52 17.12 -14.97
C ARG A 175 13.42 17.96 -16.23
N GLU A 176 14.51 18.65 -16.60
CA GLU A 176 14.49 19.49 -17.80
C GLU A 176 14.38 18.62 -19.06
N ARG A 177 15.25 17.62 -19.18
CA ARG A 177 15.28 16.81 -20.40
C ARG A 177 13.96 16.07 -20.60
N LEU A 178 13.38 15.54 -19.53
CA LEU A 178 12.11 14.82 -19.65
C LEU A 178 11.00 15.76 -20.10
N ALA A 179 10.92 16.95 -19.49
CA ALA A 179 9.85 17.89 -19.81
C ALA A 179 9.84 18.22 -21.30
N ALA A 180 11.00 18.33 -21.93
CA ALA A 180 11.07 18.62 -23.35
C ALA A 180 10.39 17.56 -24.20
N VAL A 181 10.27 16.33 -23.69
CA VAL A 181 9.66 15.23 -24.43
C VAL A 181 8.27 14.87 -23.93
N VAL A 182 7.82 15.44 -22.81
CA VAL A 182 6.56 15.06 -22.18
C VAL A 182 5.58 16.21 -22.12
N ASP A 183 6.06 17.44 -21.88
CA ASP A 183 5.19 18.55 -21.50
C ASP A 183 4.29 19.03 -22.64
N GLN A 184 4.52 18.61 -23.87
CA GLN A 184 3.74 19.13 -24.99
C GLN A 184 2.25 18.83 -24.79
N GLY A 185 1.44 19.90 -24.81
CA GLY A 185 0.00 19.77 -24.74
C GLY A 185 -0.57 19.44 -23.38
N ARG A 186 0.25 19.11 -22.39
CA ARG A 186 -0.24 18.70 -21.09
C ARG A 186 -0.45 19.91 -20.18
N THR A 187 -1.44 19.81 -19.31
CA THR A 187 -1.70 20.83 -18.32
C THR A 187 -0.69 20.73 -17.18
N PRO A 188 -0.51 21.80 -16.41
CA PRO A 188 0.58 21.83 -15.42
C PRO A 188 0.60 20.64 -14.48
N ALA A 189 -0.56 20.07 -14.13
CA ALA A 189 -0.59 18.97 -13.18
C ALA A 189 -0.07 17.66 -13.78
N PHE A 190 0.02 17.57 -15.10
CA PHE A 190 0.41 16.34 -15.77
C PHE A 190 1.76 16.47 -16.49
N ARG A 191 2.51 17.52 -16.17
CA ARG A 191 3.87 17.70 -16.69
C ARG A 191 4.87 17.08 -15.72
N VAL A 192 6.11 16.91 -16.21
CA VAL A 192 7.17 16.40 -15.36
C VAL A 192 7.36 17.33 -14.18
N GLN A 193 7.64 16.76 -13.01
CA GLN A 193 7.81 17.53 -11.79
C GLN A 193 8.48 16.63 -10.75
N PRO A 194 9.01 17.22 -9.69
CA PRO A 194 9.59 16.39 -8.62
C PRO A 194 8.52 15.49 -8.03
N MET A 195 8.88 14.22 -7.83
CA MET A 195 7.97 13.29 -7.20
C MET A 195 7.70 13.72 -5.78
N PRO A 196 6.43 13.85 -5.36
CA PRO A 196 6.15 14.03 -3.93
C PRO A 196 6.62 12.83 -3.15
N LEU A 197 7.52 13.06 -2.21
CA LEU A 197 8.15 11.99 -1.45
C LEU A 197 7.81 12.12 0.03
N ALA A 198 7.71 10.97 0.68
CA ALA A 198 7.56 10.92 2.14
C ALA A 198 8.93 10.74 2.79
N VAL A 199 9.81 11.70 2.55
CA VAL A 199 11.18 11.68 3.04
C VAL A 199 11.22 12.56 4.28
N HIS A 200 11.26 11.93 5.45
CA HIS A 200 11.20 12.63 6.73
C HIS A 200 12.58 12.92 7.29
N LEU A 207 17.11 13.02 3.72
CA LEU A 207 18.03 11.91 3.97
C LEU A 207 17.38 10.85 4.85
N VAL A 208 16.19 11.15 5.36
CA VAL A 208 15.47 10.27 6.26
C VAL A 208 14.14 9.89 5.63
N TRP A 209 13.79 8.61 5.71
CA TRP A 209 12.59 8.07 5.10
C TRP A 209 11.46 7.97 6.11
N SER A 210 10.22 8.14 5.61
CA SER A 210 9.04 8.03 6.44
C SER A 210 8.50 6.61 6.39
N GLY A 211 8.25 6.03 7.58
CA GLY A 211 7.51 4.80 7.71
C GLY A 211 6.17 5.03 8.39
N SER A 212 5.65 3.97 8.99
CA SER A 212 4.45 4.12 9.81
C SER A 212 4.73 4.93 11.07
N ASP A 213 6.00 4.98 11.50
CA ASP A 213 6.35 5.82 12.64
C ASP A 213 5.92 7.26 12.44
N VAL A 214 5.96 7.74 11.19
CA VAL A 214 5.59 9.12 10.91
C VAL A 214 4.07 9.27 10.80
N VAL A 215 3.36 8.20 10.45
CA VAL A 215 1.92 8.31 10.22
C VAL A 215 1.19 8.43 11.55
N MET A 216 1.32 7.43 12.42
CA MET A 216 0.71 7.55 13.74
C MET A 216 1.37 8.68 14.55
N GLY A 217 2.68 8.83 14.42
CA GLY A 217 3.38 9.99 14.94
C GLY A 217 3.28 10.15 16.45
N GLU A 218 3.39 11.41 16.89
CA GLU A 218 3.36 11.73 18.31
C GLU A 218 1.95 11.69 18.88
N ALA A 219 0.95 12.07 18.08
CA ALA A 219 -0.44 11.99 18.55
C ALA A 219 -0.76 10.58 19.02
N THR A 220 -0.43 9.58 18.21
CA THR A 220 -0.65 8.20 18.60
C THR A 220 0.36 7.76 19.65
N ARG A 221 1.64 8.13 19.47
CA ARG A 221 2.67 7.65 20.37
C ARG A 221 2.52 8.22 21.77
N ASP A 222 1.87 9.36 21.91
CA ASP A 222 1.59 9.96 23.21
C ASP A 222 0.13 9.82 23.62
N ASN A 223 -0.63 8.97 22.94
CA ASN A 223 -2.05 8.81 23.24
C ASN A 223 -2.22 7.78 24.35
N PRO A 224 -2.71 8.17 25.53
CA PRO A 224 -2.81 7.21 26.63
C PRO A 224 -3.70 6.02 26.33
N GLN A 225 -4.70 6.17 25.46
CA GLN A 225 -5.65 5.11 25.19
C GLN A 225 -5.30 4.29 23.97
N PHE A 226 -4.10 4.46 23.41
CA PHE A 226 -3.65 3.65 22.29
C PHE A 226 -2.54 2.71 22.75
N GLU A 227 -2.61 1.46 22.30
CA GLU A 227 -1.60 0.46 22.62
C GLU A 227 -1.30 -0.34 21.36
N LEU A 228 -0.03 -0.63 21.14
CA LEU A 228 0.43 -1.37 19.97
C LEU A 228 0.99 -2.71 20.42
N PHE A 229 0.41 -3.80 19.92
CA PHE A 229 0.82 -5.15 20.28
C PHE A 229 1.42 -5.82 19.06
N ASP A 230 2.74 -5.97 19.05
CA ASP A 230 3.37 -6.81 18.05
C ASP A 230 3.22 -8.28 18.45
N GLU A 231 3.66 -9.18 17.57
CA GLU A 231 3.61 -10.61 17.86
C GLU A 231 2.18 -11.05 18.19
N SER A 232 1.20 -10.41 17.55
CA SER A 232 -0.21 -10.66 17.83
C SER A 232 -0.92 -10.95 16.52
N LEU A 233 -1.29 -12.22 16.30
CA LEU A 233 -1.92 -12.63 15.05
C LEU A 233 -3.43 -12.57 15.20
N VAL A 234 -4.09 -11.76 14.38
CA VAL A 234 -5.54 -11.69 14.34
C VAL A 234 -6.03 -12.77 13.38
N THR A 235 -6.64 -13.82 13.93
CA THR A 235 -7.11 -14.96 13.14
C THR A 235 -8.58 -14.89 12.81
N ARG A 236 -9.30 -13.85 13.25
CA ARG A 236 -10.72 -13.76 12.99
C ARG A 236 -11.31 -12.45 13.50
N VAL A 237 -12.28 -11.91 12.78
CA VAL A 237 -13.02 -10.72 13.19
C VAL A 237 -14.34 -11.17 13.78
N LEU A 238 -14.54 -10.91 15.07
CA LEU A 238 -15.76 -11.31 15.74
C LEU A 238 -16.92 -10.41 15.34
N VAL A 239 -18.08 -11.01 15.10
CA VAL A 239 -19.29 -10.28 14.72
C VAL A 239 -20.45 -10.86 15.50
N GLU A 240 -21.21 -10.00 16.17
CA GLU A 240 -22.33 -10.40 17.00
C GLU A 240 -23.54 -9.55 16.61
N ASP A 241 -24.59 -10.21 16.10
CA ASP A 241 -25.79 -9.53 15.62
C ASP A 241 -25.54 -8.89 14.26
N GLY A 242 -24.63 -9.48 13.49
CA GLY A 242 -24.29 -8.93 12.19
C GLY A 242 -23.48 -7.66 12.23
N THR A 243 -22.88 -7.34 13.37
CA THR A 243 -22.11 -6.12 13.54
C THR A 243 -20.75 -6.46 14.15
N ALA A 244 -19.74 -5.65 13.80
CA ALA A 244 -18.39 -5.87 14.30
C ALA A 244 -18.39 -6.01 15.81
N ALA A 245 -18.00 -7.18 16.29
CA ALA A 245 -18.00 -7.49 17.71
C ALA A 245 -16.62 -7.49 18.34
N GLY A 246 -15.56 -7.53 17.55
CA GLY A 246 -14.21 -7.52 18.07
C GLY A 246 -13.28 -8.30 17.15
N VAL A 247 -12.29 -8.95 17.76
CA VAL A 247 -11.31 -9.74 17.02
C VAL A 247 -10.78 -10.82 17.93
N GLU A 248 -10.42 -11.95 17.35
CA GLU A 248 -9.67 -12.99 18.05
C GLU A 248 -8.19 -12.77 17.76
N VAL A 249 -7.39 -12.59 18.81
CA VAL A 249 -5.98 -12.28 18.69
C VAL A 249 -5.19 -13.43 19.31
N GLN A 250 -4.20 -13.93 18.58
CA GLN A 250 -3.35 -15.02 19.05
C GLN A 250 -1.99 -14.45 19.42
N ASP A 251 -1.72 -14.37 20.72
CA ASP A 251 -0.41 -13.98 21.22
C ASP A 251 0.66 -14.92 20.70
N ARG A 252 1.51 -14.43 19.80
CA ARG A 252 2.51 -15.26 19.14
C ARG A 252 3.71 -15.56 20.03
N ARG A 253 3.78 -15.01 21.24
CA ARG A 253 4.85 -15.32 22.17
C ARG A 253 4.43 -16.30 23.26
N SER A 254 3.13 -16.57 23.40
CA SER A 254 2.63 -17.60 24.30
C SER A 254 1.77 -18.63 23.60
N GLY A 255 1.43 -18.44 22.33
CA GLY A 255 0.57 -19.36 21.61
C GLY A 255 -0.86 -19.40 22.09
N ASP A 256 -1.24 -18.54 23.04
CA ASP A 256 -2.59 -18.54 23.58
C ASP A 256 -3.48 -17.59 22.79
N THR A 257 -4.73 -17.98 22.61
CA THR A 257 -5.69 -17.23 21.83
C THR A 257 -6.61 -16.43 22.76
N TYR A 258 -6.70 -15.13 22.53
CA TYR A 258 -7.57 -14.25 23.28
C TYR A 258 -8.74 -13.83 22.40
N GLN A 259 -9.62 -13.00 22.99
CA GLN A 259 -10.72 -12.39 22.25
C GLN A 259 -10.93 -11.00 22.81
N VAL A 260 -10.74 -9.98 21.96
CA VAL A 260 -10.84 -8.58 22.35
C VAL A 260 -12.07 -8.00 21.69
N ALA A 261 -12.98 -7.47 22.51
CA ALA A 261 -14.20 -6.87 22.02
C ALA A 261 -13.96 -5.40 21.65
N ALA A 262 -14.86 -4.86 20.83
CA ALA A 262 -14.78 -3.47 20.41
C ALA A 262 -16.02 -3.13 19.61
N ARG A 263 -16.35 -1.85 19.59
CA ARG A 263 -17.44 -1.36 18.74
C ARG A 263 -17.02 -1.30 17.27
N TYR A 264 -15.74 -1.08 17.01
CA TYR A 264 -15.23 -0.95 15.66
C TYR A 264 -14.03 -1.86 15.47
N VAL A 265 -13.88 -2.35 14.24
CA VAL A 265 -12.74 -3.18 13.85
C VAL A 265 -12.22 -2.64 12.53
N VAL A 266 -10.97 -2.20 12.51
CA VAL A 266 -10.31 -1.73 11.30
C VAL A 266 -9.33 -2.80 10.86
N VAL A 267 -9.50 -3.30 9.64
CA VAL A 267 -8.64 -4.34 9.09
C VAL A 267 -7.78 -3.69 8.00
N GLY A 268 -6.52 -3.44 8.33
CA GLY A 268 -5.58 -2.91 7.36
C GLY A 268 -4.33 -3.77 7.25
N ALA A 269 -4.49 -4.98 6.73
CA ALA A 269 -3.42 -5.98 6.69
C ALA A 269 -2.91 -6.22 5.28
N ASP A 270 -3.06 -5.25 4.38
CA ASP A 270 -2.61 -5.30 2.99
C ASP A 270 -3.62 -6.05 2.11
N ALA A 271 -3.55 -5.82 0.80
CA ALA A 271 -4.60 -6.23 -0.12
C ALA A 271 -4.75 -7.74 -0.24
N LEU A 272 -3.80 -8.52 0.25
CA LEU A 272 -3.90 -9.98 0.18
C LEU A 272 -4.40 -10.58 1.48
N ARG A 273 -3.75 -10.27 2.60
CA ARG A 273 -4.12 -10.87 3.88
C ARG A 273 -5.40 -10.27 4.46
N THR A 274 -5.80 -9.07 4.04
CA THR A 274 -7.07 -8.51 4.50
C THR A 274 -8.25 -9.36 4.05
N PRO A 275 -8.43 -9.62 2.76
CA PRO A 275 -9.49 -10.56 2.36
C PRO A 275 -9.31 -11.95 2.94
N GLN A 276 -8.07 -12.34 3.27
CA GLN A 276 -7.85 -13.63 3.92
C GLN A 276 -8.46 -13.65 5.31
N LEU A 277 -8.31 -12.55 6.07
CA LEU A 277 -8.89 -12.51 7.41
C LEU A 277 -10.42 -12.47 7.36
N LEU A 278 -10.99 -11.69 6.43
CA LEU A 278 -12.43 -11.64 6.31
C LEU A 278 -13.00 -12.96 5.82
N TRP A 279 -12.39 -13.54 4.78
CA TRP A 279 -12.86 -14.83 4.29
C TRP A 279 -12.86 -15.88 5.40
N ALA A 280 -11.80 -15.91 6.21
CA ALA A 280 -11.75 -16.84 7.33
C ALA A 280 -12.74 -16.47 8.43
N SER A 281 -13.15 -15.20 8.50
CA SER A 281 -14.11 -14.75 9.51
C SER A 281 -15.55 -15.04 9.13
N GLY A 282 -15.80 -15.64 7.97
CA GLY A 282 -17.13 -15.85 7.46
C GLY A 282 -17.65 -14.73 6.58
N ILE A 283 -17.05 -13.55 6.67
CA ILE A 283 -17.41 -12.42 5.81
C ILE A 283 -16.95 -12.72 4.40
N ARG A 284 -17.82 -13.33 3.59
CA ARG A 284 -17.46 -13.82 2.26
C ARG A 284 -18.39 -13.26 1.21
N PRO A 285 -18.37 -11.94 0.99
CA PRO A 285 -19.11 -11.37 -0.13
C PRO A 285 -18.53 -11.85 -1.45
N ASP A 286 -19.39 -11.92 -2.47
CA ASP A 286 -18.94 -12.37 -3.78
C ASP A 286 -17.91 -11.44 -4.39
N ALA A 287 -17.81 -10.20 -3.90
CA ALA A 287 -16.86 -9.23 -4.44
C ALA A 287 -15.50 -9.29 -3.77
N LEU A 288 -15.44 -9.69 -2.51
CA LEU A 288 -14.18 -9.74 -1.77
C LEU A 288 -13.13 -10.53 -2.53
N GLY A 289 -11.93 -9.97 -2.60
CA GLY A 289 -10.81 -10.62 -3.26
C GLY A 289 -10.84 -10.58 -4.78
N ARG A 290 -11.95 -10.15 -5.38
CA ARG A 290 -12.05 -10.09 -6.84
C ARG A 290 -11.61 -8.72 -7.34
N TYR A 291 -11.42 -8.64 -8.66
CA TYR A 291 -10.94 -7.43 -9.32
C TYR A 291 -9.56 -7.02 -8.82
N LEU A 292 -8.80 -7.97 -8.27
CA LEU A 292 -7.40 -7.71 -7.97
C LEU A 292 -6.70 -7.18 -9.21
N ASN A 293 -5.96 -6.08 -9.03
CA ASN A 293 -5.23 -5.49 -10.13
C ASN A 293 -3.84 -5.11 -9.67
N ASP A 294 -2.83 -5.45 -10.47
CA ASP A 294 -1.45 -5.11 -10.20
C ASP A 294 -0.94 -4.17 -11.29
N GLN A 295 -0.04 -3.28 -10.91
CA GLN A 295 0.57 -2.35 -11.85
C GLN A 295 1.75 -3.03 -12.51
N ALA A 296 1.64 -3.32 -13.80
CA ALA A 296 2.73 -3.93 -14.54
C ALA A 296 3.89 -2.94 -14.62
N GLN A 297 5.06 -3.34 -14.14
CA GLN A 297 6.21 -2.47 -14.03
C GLN A 297 7.22 -2.74 -15.15
N VAL A 298 7.76 -1.67 -15.71
CA VAL A 298 8.75 -1.75 -16.78
C VAL A 298 9.97 -0.95 -16.34
N VAL A 299 11.13 -1.61 -16.33
CA VAL A 299 12.38 -1.02 -15.83
C VAL A 299 13.28 -0.70 -17.01
N PHE A 300 14.05 0.38 -16.86
CA PHE A 300 14.98 0.83 -17.89
C PHE A 300 15.94 1.82 -17.24
N ALA A 301 17.10 2.00 -17.89
CA ALA A 301 18.14 2.85 -17.35
C ALA A 301 18.77 3.68 -18.45
N SER A 302 19.31 4.84 -18.06
CA SER A 302 20.01 5.72 -18.98
C SER A 302 21.11 6.44 -18.23
N ARG A 303 22.12 6.87 -18.97
CA ARG A 303 23.28 7.58 -18.43
C ARG A 303 23.25 9.03 -18.89
N LEU A 304 23.27 9.96 -17.94
CA LEU A 304 23.27 11.37 -18.28
C LEU A 304 24.52 11.74 -19.07
N ARG A 305 24.49 12.94 -19.65
CA ARG A 305 25.56 13.43 -20.51
C ARG A 305 26.09 14.73 -19.93
N ASP A 306 27.10 14.62 -19.07
CA ASP A 306 27.72 15.76 -18.41
C ASP A 306 28.93 15.32 -17.60
N VAL A 307 29.28 16.09 -16.58
CA VAL A 307 30.40 15.75 -15.71
C VAL A 307 30.12 16.21 -14.28
N SER A 321 20.94 9.89 0.07
CA SER A 321 21.86 10.26 -1.00
C SER A 321 21.24 11.32 -1.91
N GLU A 322 21.52 12.59 -1.60
CA GLU A 322 20.99 13.71 -2.37
C GLU A 322 21.90 13.95 -3.57
N GLN A 323 21.39 13.69 -4.77
CA GLN A 323 22.19 13.85 -5.97
C GLN A 323 21.33 14.07 -7.21
N SER A 324 20.15 13.44 -7.26
CA SER A 324 19.31 13.52 -8.44
C SER A 324 17.83 13.55 -8.10
N GLY A 325 17.46 13.18 -6.89
CA GLY A 325 16.06 13.17 -6.52
C GLY A 325 15.26 12.16 -7.34
N VAL A 326 13.97 12.42 -7.44
CA VAL A 326 13.03 11.55 -8.13
C VAL A 326 12.17 12.39 -9.06
N ALA A 327 12.02 11.93 -10.30
CA ALA A 327 11.23 12.62 -11.31
C ALA A 327 9.90 11.90 -11.51
N TRP A 328 8.85 12.68 -11.75
CA TRP A 328 7.48 12.16 -11.86
C TRP A 328 6.93 12.52 -13.23
N VAL A 329 6.62 11.50 -14.03
CA VAL A 329 5.93 11.69 -15.30
C VAL A 329 4.48 11.28 -15.09
N PRO A 330 3.59 12.23 -14.79
CA PRO A 330 2.22 11.87 -14.39
C PRO A 330 1.50 10.96 -15.36
N TYR A 331 0.48 10.28 -14.85
CA TYR A 331 -0.41 9.45 -15.65
C TYR A 331 -1.40 10.32 -16.41
N THR A 332 -1.88 9.79 -17.53
CA THR A 332 -2.94 10.43 -18.29
C THR A 332 -3.78 9.35 -18.97
N ASP A 333 -5.08 9.62 -19.07
CA ASP A 333 -6.00 8.63 -19.65
C ASP A 333 -5.54 8.14 -21.01
N GLU A 334 -4.86 8.99 -21.78
CA GLU A 334 -4.38 8.61 -23.10
C GLU A 334 -3.04 7.88 -23.06
N ALA A 335 -2.31 7.97 -21.95
CA ALA A 335 -1.09 7.20 -21.72
C ALA A 335 -1.19 6.66 -20.30
N PRO A 336 -1.78 5.47 -20.11
CA PRO A 336 -2.11 5.01 -18.76
C PRO A 336 -0.90 4.47 -18.00
N PHE A 337 0.25 5.11 -18.14
CA PHE A 337 1.44 4.71 -17.41
C PHE A 337 1.86 5.80 -16.44
N HIS A 338 2.55 5.39 -15.38
CA HIS A 338 3.08 6.28 -14.36
C HIS A 338 4.59 6.16 -14.34
N GLY A 339 5.28 7.30 -14.41
CA GLY A 339 6.71 7.32 -14.66
C GLY A 339 7.48 7.77 -13.43
N GLN A 340 8.47 6.95 -13.06
CA GLN A 340 9.42 7.26 -12.00
C GLN A 340 10.82 7.25 -12.58
N ILE A 341 11.55 8.33 -12.39
CA ILE A 341 12.96 8.44 -12.77
C ILE A 341 13.72 8.88 -11.52
N MET A 342 14.58 8.00 -11.01
CA MET A 342 15.22 8.21 -9.72
C MET A 342 16.73 8.10 -9.84
N GLN A 343 17.42 8.58 -8.79
CA GLN A 343 18.87 8.66 -8.74
C GLN A 343 19.53 7.34 -8.39
N LEU A 344 18.83 6.22 -8.48
CA LEU A 344 19.36 4.92 -8.08
C LEU A 344 19.39 4.80 -6.56
N GLY A 360 25.61 10.86 -9.33
CA GLY A 360 24.47 10.08 -9.79
C GLY A 360 24.16 10.29 -11.26
N SER A 361 25.19 10.14 -12.10
CA SER A 361 25.00 10.34 -13.54
C SER A 361 23.98 9.37 -14.10
N ILE A 362 23.91 8.16 -13.58
CA ILE A 362 23.00 7.13 -14.08
C ILE A 362 21.68 7.23 -13.34
N VAL A 363 20.58 7.19 -14.09
CA VAL A 363 19.24 7.30 -13.53
C VAL A 363 18.46 6.03 -13.86
N GLY A 364 17.50 5.71 -13.01
CA GLY A 364 16.61 4.59 -13.24
C GLY A 364 15.28 5.07 -13.78
N LEU A 365 14.66 4.23 -14.61
CA LEU A 365 13.36 4.54 -15.21
C LEU A 365 12.42 3.37 -14.96
N GLY A 366 11.30 3.64 -14.31
CA GLY A 366 10.25 2.66 -14.14
C GLY A 366 8.92 3.21 -14.60
N LEU A 367 8.17 2.39 -15.32
CA LEU A 367 6.83 2.74 -15.78
C LEU A 367 5.84 1.74 -15.20
N PHE A 368 4.77 2.25 -14.60
CA PHE A 368 3.74 1.44 -13.98
C PHE A 368 2.45 1.59 -14.78
N CYS A 369 1.81 0.47 -15.09
CA CYS A 369 0.64 0.45 -15.95
C CYS A 369 -0.63 0.29 -15.11
N ALA A 370 -1.64 1.10 -15.42
CA ALA A 370 -2.98 0.82 -14.95
C ALA A 370 -3.55 -0.36 -15.71
N LYS A 371 -4.46 -1.08 -15.09
CA LYS A 371 -4.93 -2.35 -15.64
C LYS A 371 -6.39 -2.26 -16.07
N ASP A 372 -6.71 -3.09 -17.06
CA ASP A 372 -8.10 -3.33 -17.45
C ASP A 372 -8.71 -4.29 -16.44
N LEU A 373 -9.49 -3.74 -15.51
CA LEU A 373 -10.00 -4.53 -14.40
C LEU A 373 -10.95 -5.62 -14.88
N GLN A 374 -10.86 -6.78 -14.24
CA GLN A 374 -11.69 -7.93 -14.59
C GLN A 374 -12.13 -8.64 -13.31
N ARG A 375 -13.14 -9.50 -13.46
CA ARG A 375 -13.60 -10.29 -12.32
C ARG A 375 -12.68 -11.48 -12.06
N GLU A 376 -12.21 -12.14 -13.13
CA GLU A 376 -11.35 -13.31 -12.97
C GLU A 376 -10.02 -12.96 -12.31
N ASP A 377 -9.70 -11.68 -12.17
CA ASP A 377 -8.55 -11.25 -11.37
C ASP A 377 -8.99 -11.23 -9.92
N ARG A 378 -8.60 -12.26 -9.16
CA ARG A 378 -9.14 -12.45 -7.82
C ARG A 378 -8.15 -13.22 -6.97
N VAL A 379 -8.14 -12.91 -5.69
CA VAL A 379 -7.43 -13.72 -4.69
C VAL A 379 -8.44 -14.68 -4.08
N ALA A 380 -8.25 -15.97 -4.32
CA ALA A 380 -9.13 -17.00 -3.78
C ALA A 380 -8.50 -17.61 -2.53
N PHE A 381 -9.35 -18.25 -1.72
CA PHE A 381 -8.93 -18.83 -0.46
C PHE A 381 -9.48 -20.24 -0.33
N ASP A 382 -8.64 -21.14 0.16
CA ASP A 382 -8.99 -22.56 0.33
C ASP A 382 -9.01 -22.88 1.81
N ASP A 383 -10.20 -23.20 2.33
CA ASP A 383 -10.30 -23.57 3.74
C ASP A 383 -9.58 -24.88 4.02
N ASP A 384 -9.59 -25.81 3.07
CA ASP A 384 -9.00 -27.12 3.28
C ASP A 384 -7.49 -27.08 3.45
N THR A 385 -6.84 -25.98 3.08
CA THR A 385 -5.39 -25.86 3.16
C THR A 385 -5.03 -24.57 3.87
N ARG A 386 -4.32 -24.68 4.99
CA ARG A 386 -3.86 -23.52 5.74
C ARG A 386 -2.53 -23.01 5.17
N ASP A 387 -2.01 -21.96 5.78
CA ASP A 387 -0.73 -21.38 5.40
C ASP A 387 0.17 -21.31 6.63
N SER A 388 1.38 -20.77 6.44
CA SER A 388 2.36 -20.71 7.51
C SER A 388 1.81 -20.03 8.77
N TYR A 389 0.78 -19.20 8.63
CA TYR A 389 0.15 -18.55 9.77
C TYR A 389 -1.10 -19.29 10.26
N GLY A 390 -1.60 -20.26 9.51
CA GLY A 390 -2.74 -21.04 9.92
C GLY A 390 -4.08 -20.59 9.35
N LEU A 391 -4.08 -19.66 8.41
CA LEU A 391 -5.29 -19.16 7.80
C LEU A 391 -5.49 -19.80 6.43
N PRO A 392 -6.68 -19.64 5.84
CA PRO A 392 -6.95 -20.26 4.53
C PRO A 392 -5.90 -19.92 3.50
N ALA A 393 -5.17 -20.93 3.02
CA ALA A 393 -4.15 -20.72 1.99
C ALA A 393 -4.75 -19.96 0.82
N MET A 394 -4.03 -18.94 0.35
CA MET A 394 -4.52 -18.10 -0.73
C MET A 394 -4.01 -18.60 -2.08
N ARG A 395 -4.56 -18.01 -3.14
CA ARG A 395 -4.25 -18.42 -4.50
C ARG A 395 -4.69 -17.31 -5.45
N ILE A 396 -3.79 -16.89 -6.33
CA ILE A 396 -4.00 -15.71 -7.17
C ILE A 396 -4.40 -16.16 -8.57
N HIS A 397 -5.59 -15.74 -9.00
CA HIS A 397 -6.04 -15.89 -10.39
C HIS A 397 -5.83 -14.53 -11.06
N TYR A 398 -4.73 -14.40 -11.78
CA TYR A 398 -4.37 -13.15 -12.43
C TYR A 398 -3.97 -13.42 -13.87
N ARG A 399 -4.59 -12.72 -14.80
CA ARG A 399 -4.30 -12.87 -16.22
C ARG A 399 -4.35 -11.50 -16.89
N LEU A 400 -3.33 -11.18 -17.66
CA LEU A 400 -3.31 -9.95 -18.44
C LEU A 400 -4.15 -10.14 -19.70
N THR A 401 -5.15 -9.29 -19.87
CA THR A 401 -5.94 -9.31 -21.09
C THR A 401 -5.18 -8.62 -22.22
N GLU A 402 -5.65 -8.81 -23.45
CA GLU A 402 -5.00 -8.21 -24.60
C GLU A 402 -4.84 -6.71 -24.43
N ARG A 403 -5.85 -6.06 -23.86
CA ARG A 403 -5.73 -4.63 -23.56
C ARG A 403 -4.59 -4.37 -22.60
N ASP A 404 -4.33 -5.29 -21.67
CA ASP A 404 -3.20 -5.15 -20.76
C ASP A 404 -1.88 -5.18 -21.52
N HIS A 405 -1.79 -6.04 -22.54
CA HIS A 405 -0.56 -6.14 -23.32
C HIS A 405 -0.39 -4.96 -24.26
N VAL A 406 -1.49 -4.49 -24.85
CA VAL A 406 -1.41 -3.30 -25.70
C VAL A 406 -0.87 -2.12 -24.93
N VAL A 407 -1.18 -2.04 -23.63
CA VAL A 407 -0.63 -0.98 -22.79
C VAL A 407 0.78 -1.33 -22.35
N LEU A 408 1.03 -2.59 -22.00
CA LEU A 408 2.36 -2.98 -21.54
C LEU A 408 3.42 -2.68 -22.59
N ASP A 409 3.19 -3.12 -23.83
CA ASP A 409 4.15 -2.83 -24.89
C ASP A 409 4.21 -1.34 -25.19
N ARG A 410 3.13 -0.60 -24.92
CA ARG A 410 3.19 0.86 -25.00
C ARG A 410 4.12 1.41 -23.95
N ALA A 411 4.15 0.80 -22.76
CA ALA A 411 5.08 1.25 -21.72
C ALA A 411 6.52 1.00 -22.12
N ARG A 412 6.79 -0.06 -22.89
CA ARG A 412 8.15 -0.33 -23.33
C ARG A 412 8.60 0.67 -24.39
N GLN A 413 7.69 1.03 -25.31
CA GLN A 413 8.01 2.05 -26.30
C GLN A 413 8.25 3.40 -25.65
N GLU A 414 7.47 3.72 -24.61
CA GLU A 414 7.53 5.05 -24.01
C GLU A 414 8.71 5.19 -23.05
N ILE A 415 9.01 4.15 -22.27
CA ILE A 415 10.14 4.23 -21.34
C ILE A 415 11.44 4.39 -22.12
N VAL A 416 11.52 3.81 -23.32
CA VAL A 416 12.70 4.00 -24.17
C VAL A 416 12.77 5.43 -24.66
N ARG A 417 11.62 6.00 -25.05
CA ARG A 417 11.57 7.41 -25.42
C ARG A 417 12.05 8.29 -24.27
N LEU A 418 11.66 7.96 -23.05
CA LEU A 418 12.13 8.72 -21.89
C LEU A 418 13.61 8.48 -21.63
N GLY A 419 14.07 7.24 -21.83
CA GLY A 419 15.48 6.96 -21.63
C GLY A 419 16.37 7.72 -22.60
N LYS A 420 15.94 7.82 -23.85
CA LYS A 420 16.71 8.58 -24.83
C LYS A 420 16.62 10.08 -24.61
N ALA A 421 15.49 10.55 -24.07
CA ALA A 421 15.36 11.98 -23.80
C ALA A 421 16.31 12.44 -22.71
N VAL A 422 16.61 11.58 -21.73
CA VAL A 422 17.44 11.99 -20.62
C VAL A 422 18.93 11.85 -20.94
N GLY A 423 19.30 10.86 -21.77
CA GLY A 423 20.70 10.70 -22.10
C GLY A 423 21.05 9.47 -22.90
N GLU A 424 21.84 8.57 -22.30
CA GLU A 424 22.44 7.45 -23.02
C GLU A 424 21.90 6.14 -22.47
N PRO A 425 21.03 5.44 -23.20
CA PRO A 425 20.47 4.19 -22.68
C PRO A 425 21.56 3.16 -22.40
N LEU A 426 21.48 2.52 -21.24
CA LEU A 426 22.40 1.45 -20.90
C LEU A 426 22.04 0.18 -21.67
N ASP A 427 21.14 -0.63 -21.11
CA ASP A 427 20.66 -1.80 -21.82
C ASP A 427 19.92 -1.36 -23.09
N GLU A 428 19.80 -2.29 -24.03
CA GLU A 428 19.14 -1.98 -25.29
C GLU A 428 17.63 -2.12 -25.19
N ARG A 429 17.14 -3.02 -24.35
CA ARG A 429 15.73 -3.33 -24.31
C ARG A 429 15.19 -3.20 -22.89
N PRO A 430 13.99 -2.63 -22.73
CA PRO A 430 13.40 -2.53 -21.38
C PRO A 430 12.94 -3.88 -20.87
N PHE A 431 13.15 -4.12 -19.58
CA PHE A 431 12.82 -5.38 -18.94
C PHE A 431 11.48 -5.27 -18.24
N VAL A 432 10.58 -6.20 -18.52
CA VAL A 432 9.25 -6.23 -17.92
C VAL A 432 9.31 -7.08 -16.65
N LEU A 433 8.97 -6.48 -15.51
CA LEU A 433 8.99 -7.20 -14.25
C LEU A 433 7.78 -8.14 -14.17
N PRO A 434 7.95 -9.32 -13.57
CA PRO A 434 6.84 -10.25 -13.49
C PRO A 434 5.72 -9.68 -12.65
N PRO A 435 4.48 -10.08 -12.90
CA PRO A 435 3.35 -9.56 -12.12
C PRO A 435 3.57 -9.79 -10.63
N GLY A 436 3.25 -8.77 -9.84
CA GLY A 436 3.48 -8.77 -8.41
C GLY A 436 4.66 -7.95 -7.96
N ALA A 437 5.52 -7.53 -8.89
CA ALA A 437 6.74 -6.81 -8.52
C ALA A 437 6.42 -5.41 -8.00
N SER A 438 5.46 -4.72 -8.61
CA SER A 438 5.16 -3.35 -8.20
C SER A 438 4.84 -3.25 -6.72
N LEU A 439 4.31 -4.33 -6.13
CA LEU A 439 3.90 -4.32 -4.73
C LEU A 439 2.77 -3.32 -4.50
N HIS A 440 1.98 -3.08 -5.53
CA HIS A 440 0.85 -2.14 -5.50
C HIS A 440 -0.40 -2.92 -5.92
N TYR A 441 -0.98 -3.66 -5.00
CA TYR A 441 -2.16 -4.49 -5.27
C TYR A 441 -3.41 -3.75 -4.84
N GLN A 442 -4.30 -3.47 -5.79
CA GLN A 442 -5.53 -2.74 -5.54
C GLN A 442 -6.73 -3.61 -5.87
N GLY A 443 -7.86 -3.31 -5.22
CA GLY A 443 -9.14 -3.86 -5.60
C GLY A 443 -9.59 -5.10 -4.86
N THR A 444 -8.78 -5.63 -3.94
CA THR A 444 -9.16 -6.86 -3.26
C THR A 444 -10.34 -6.66 -2.32
N THR A 445 -10.48 -5.45 -1.76
CA THR A 445 -11.66 -5.05 -0.98
C THR A 445 -12.14 -3.70 -1.48
N ARG A 446 -12.31 -3.60 -2.80
CA ARG A 446 -12.54 -2.33 -3.47
C ARG A 446 -13.70 -1.53 -2.85
N MET A 447 -13.66 -0.22 -3.06
CA MET A 447 -14.65 0.71 -2.53
C MET A 447 -15.74 0.95 -3.57
N GLY A 448 -16.93 1.30 -3.08
CA GLY A 448 -18.04 1.56 -3.98
C GLY A 448 -18.98 2.59 -3.37
N GLU A 449 -19.71 3.30 -4.25
CA GLU A 449 -20.65 4.29 -3.76
C GLU A 449 -21.93 3.66 -3.23
N THR A 450 -22.33 2.51 -3.78
CA THR A 450 -23.47 1.76 -3.28
C THR A 450 -23.09 0.28 -3.29
N ASP A 451 -23.99 -0.55 -2.75
CA ASP A 451 -23.79 -2.00 -2.77
C ASP A 451 -24.29 -2.55 -4.09
N ASP A 452 -23.42 -3.27 -4.80
CA ASP A 452 -23.78 -3.79 -6.11
C ASP A 452 -23.11 -5.13 -6.44
N GLY A 453 -22.72 -5.90 -5.43
CA GLY A 453 -22.07 -7.18 -5.68
C GLY A 453 -20.65 -7.11 -6.16
N GLU A 454 -20.12 -5.92 -6.43
CA GLU A 454 -18.75 -5.76 -6.87
C GLU A 454 -17.98 -4.73 -6.05
N SER A 455 -18.61 -4.13 -5.04
CA SER A 455 -17.92 -3.31 -4.05
C SER A 455 -17.99 -4.01 -2.71
N VAL A 456 -16.88 -3.99 -1.96
CA VAL A 456 -16.79 -4.73 -0.71
C VAL A 456 -17.07 -3.81 0.47
N CYS A 457 -16.73 -2.54 0.33
CA CYS A 457 -16.94 -1.55 1.39
C CYS A 457 -17.64 -0.33 0.80
N SER A 458 -17.93 0.64 1.67
CA SER A 458 -18.59 1.87 1.27
C SER A 458 -17.55 2.95 0.99
N PRO A 459 -17.96 4.13 0.54
CA PRO A 459 -16.99 5.22 0.34
C PRO A 459 -16.18 5.56 1.58
N ASP A 460 -16.65 5.17 2.76
CA ASP A 460 -15.92 5.40 4.01
C ASP A 460 -15.14 4.17 4.46
N SER A 461 -15.05 3.14 3.61
CA SER A 461 -14.31 1.91 3.87
C SER A 461 -15.04 0.97 4.83
N GLN A 462 -16.35 1.15 5.00
CA GLN A 462 -17.12 0.34 5.93
C GLN A 462 -17.71 -0.86 5.19
N VAL A 463 -17.23 -2.06 5.50
CA VAL A 463 -17.70 -3.26 4.83
C VAL A 463 -19.22 -3.31 4.87
N TRP A 464 -19.82 -3.71 3.75
CA TRP A 464 -21.27 -3.63 3.59
C TRP A 464 -22.02 -4.48 4.60
N GLN A 465 -21.95 -5.81 4.45
CA GLN A 465 -22.74 -6.70 5.29
C GLN A 465 -22.26 -6.79 6.74
N VAL A 466 -21.26 -6.03 7.16
CA VAL A 466 -20.80 -6.08 8.55
C VAL A 466 -20.61 -4.67 9.09
N PRO A 467 -21.66 -4.05 9.65
CA PRO A 467 -21.50 -2.69 10.18
C PRO A 467 -20.44 -2.65 11.28
N GLY A 468 -19.65 -1.57 11.27
CA GLY A 468 -18.57 -1.39 12.22
C GLY A 468 -17.24 -1.92 11.77
N LEU A 469 -17.21 -2.83 10.80
CA LEU A 469 -15.97 -3.36 10.25
C LEU A 469 -15.51 -2.49 9.09
N PHE A 470 -14.33 -1.92 9.21
CA PHE A 470 -13.72 -1.10 8.17
C PHE A 470 -12.48 -1.80 7.61
N VAL A 471 -12.21 -1.55 6.34
CA VAL A 471 -11.03 -2.08 5.66
C VAL A 471 -10.16 -0.92 5.23
N ALA A 472 -8.85 -1.08 5.36
CA ALA A 472 -7.88 -0.08 4.97
C ALA A 472 -6.76 -0.73 4.18
N GLY A 473 -6.16 0.04 3.27
CA GLY A 473 -5.04 -0.42 2.47
C GLY A 473 -5.30 -0.20 0.99
N ASN A 474 -4.39 -0.75 0.17
CA ASN A 474 -4.51 -0.57 -1.28
C ASN A 474 -5.75 -1.26 -1.83
N GLY A 475 -6.18 -2.37 -1.23
CA GLY A 475 -7.34 -3.08 -1.71
C GLY A 475 -8.61 -2.25 -1.72
N VAL A 476 -8.64 -1.15 -0.98
CA VAL A 476 -9.82 -0.30 -0.95
C VAL A 476 -9.99 0.49 -2.24
N ILE A 477 -8.93 0.63 -3.03
CA ILE A 477 -9.01 1.42 -4.27
C ILE A 477 -9.81 0.63 -5.30
N PRO A 478 -10.76 1.26 -6.00
CA PRO A 478 -11.57 0.52 -6.97
C PRO A 478 -11.24 0.84 -8.43
N THR A 479 -10.55 1.94 -8.67
CA THR A 479 -10.30 2.40 -10.03
C THR A 479 -8.97 1.86 -10.55
N ALA A 480 -8.87 1.81 -11.88
CA ALA A 480 -7.65 1.38 -12.55
C ALA A 480 -6.61 2.49 -12.46
N THR A 481 -5.61 2.32 -11.60
CA THR A 481 -4.60 3.33 -11.34
C THR A 481 -3.23 2.83 -11.78
N ALA A 482 -2.31 3.77 -11.98
CA ALA A 482 -0.93 3.46 -12.31
C ALA A 482 0.08 4.09 -11.36
N CYS A 483 -0.31 5.10 -10.59
CA CYS A 483 0.59 5.76 -9.66
C CYS A 483 0.78 4.90 -8.41
N ASN A 484 1.64 5.37 -7.51
CA ASN A 484 1.85 4.70 -6.24
C ASN A 484 0.62 4.91 -5.35
N PRO A 485 -0.05 3.84 -4.90
CA PRO A 485 -1.35 4.02 -4.23
C PRO A 485 -1.26 4.49 -2.80
N THR A 486 -0.14 4.28 -2.11
CA THR A 486 -0.09 4.47 -0.66
C THR A 486 -0.63 5.83 -0.24
N LEU A 487 -0.28 6.89 -0.97
CA LEU A 487 -0.82 8.20 -0.65
C LEU A 487 -2.34 8.22 -0.78
N THR A 488 -2.87 7.53 -1.79
CA THR A 488 -4.32 7.41 -1.92
C THR A 488 -4.91 6.52 -0.84
N SER A 489 -4.21 5.43 -0.50
CA SER A 489 -4.70 4.54 0.54
C SER A 489 -4.77 5.25 1.89
N VAL A 490 -3.78 6.10 2.19
CA VAL A 490 -3.83 6.89 3.41
C VAL A 490 -4.98 7.89 3.35
N ALA A 491 -5.21 8.46 2.16
CA ALA A 491 -6.33 9.39 2.01
C ALA A 491 -7.66 8.70 2.29
N LEU A 492 -7.85 7.50 1.75
CA LEU A 492 -9.08 6.75 2.03
C LEU A 492 -9.16 6.37 3.51
N ALA A 493 -8.03 5.94 4.09
CA ALA A 493 -8.03 5.57 5.50
C ALA A 493 -8.39 6.76 6.39
N VAL A 494 -7.96 7.96 6.00
CA VAL A 494 -8.29 9.15 6.78
C VAL A 494 -9.79 9.42 6.72
N ARG A 495 -10.43 9.08 5.61
CA ARG A 495 -11.87 9.31 5.49
C ARG A 495 -12.65 8.37 6.40
N GLY A 496 -12.23 7.11 6.50
CA GLY A 496 -12.89 6.19 7.41
C GLY A 496 -12.63 6.54 8.86
N ALA A 497 -11.36 6.80 9.20
CA ALA A 497 -10.99 7.07 10.58
C ALA A 497 -11.82 8.21 11.17
N ARG A 498 -11.93 9.32 10.44
CA ARG A 498 -12.72 10.44 10.93
C ARG A 498 -14.22 10.23 10.75
N LYS A 499 -14.63 9.14 10.07
CA LYS A 499 -16.02 8.71 10.15
C LYS A 499 -16.27 8.01 11.49
N ILE A 500 -15.31 7.23 11.95
CA ILE A 500 -15.43 6.58 13.25
C ILE A 500 -15.39 7.62 14.37
N ALA A 501 -14.39 8.50 14.34
CA ALA A 501 -14.31 9.56 15.34
C ALA A 501 -15.59 10.38 15.39
N GLU A 502 -16.22 10.59 14.23
CA GLU A 502 -17.50 11.28 14.19
C GLU A 502 -18.56 10.52 14.97
N GLU A 503 -18.59 9.20 14.86
CA GLU A 503 -19.62 8.42 15.53
C GLU A 503 -19.28 8.19 17.00
N ILE A 504 -18.02 7.91 17.33
CA ILE A 504 -17.64 7.70 18.72
C ILE A 504 -17.99 8.92 19.55
N THR A 505 -17.56 10.10 19.11
CA THR A 505 -17.73 11.31 19.90
C THR A 505 -19.16 11.85 19.86
N SER A 506 -19.97 11.43 18.88
CA SER A 506 -21.35 11.87 18.78
C SER A 506 -22.34 10.90 19.41
N SER A 507 -21.90 9.69 19.76
CA SER A 507 -22.78 8.70 20.38
C SER A 507 -22.91 8.96 21.87
N LEU A 508 -23.82 8.23 22.50
CA LEU A 508 -24.11 8.37 23.92
C LEU A 508 -23.47 7.27 24.76
N LEU A 509 -22.82 6.30 24.14
CA LEU A 509 -22.23 5.18 24.85
C LEU A 509 -20.97 5.59 25.61
PA FAD B . 1.00 -2.84 4.93
O1A FAD B . 1.92 -1.69 5.07
O2A FAD B . 1.59 -4.02 4.13
O5B FAD B . 0.52 -3.34 6.35
C5B FAD B . 0.06 -4.69 6.57
C4B FAD B . 0.48 -5.12 7.96
O4B FAD B . -0.56 -5.94 8.54
C3B FAD B . 1.78 -5.93 8.02
O3B FAD B . 2.67 -5.39 8.98
C2B FAD B . 1.31 -7.34 8.42
O2B FAD B . 2.26 -8.01 9.22
C1B FAD B . 0.05 -7.02 9.21
N9A FAD B . -0.91 -8.12 9.28
C8A FAD B . -1.37 -8.89 8.24
N7A FAD B . -2.23 -9.82 8.60
C5A FAD B . -2.35 -9.64 9.98
C6A FAD B . -3.09 -10.31 10.96
N6A FAD B . -3.92 -11.33 10.70
N1A FAD B . -2.97 -9.88 12.24
C2A FAD B . -2.15 -8.87 12.51
N3A FAD B . -1.39 -8.17 11.66
C4A FAD B . -1.53 -8.60 10.41
N1 FAD B . 4.20 2.34 -2.23
C2 FAD B . 4.07 3.61 -2.73
O2 FAD B . 2.97 4.17 -2.78
N3 FAD B . 5.19 4.28 -3.19
C4 FAD B . 6.47 3.79 -3.21
O4 FAD B . 7.40 4.48 -3.64
C4X FAD B . 6.60 2.44 -2.68
N5 FAD B . 7.79 1.90 -2.65
C5X FAD B . 7.91 0.62 -2.15
C6 FAD B . 9.16 0.02 -2.12
C7 FAD B . 9.34 -1.26 -1.62
C7M FAD B . 10.73 -1.87 -1.61
C8 FAD B . 8.24 -1.98 -1.14
C8M FAD B . 8.39 -3.37 -0.59
C9 FAD B . 6.97 -1.39 -1.18
C9A FAD B . 6.80 -0.10 -1.67
N10 FAD B . 5.53 0.53 -1.72
C10 FAD B . 5.41 1.80 -2.21
C1' FAD B . 4.33 -0.17 -1.23
C2' FAD B . 3.83 0.41 0.10
O2' FAD B . 4.67 -0.01 1.17
C3' FAD B . 2.39 -0.08 0.35
O3' FAD B . 1.54 0.47 -0.64
C4' FAD B . 1.87 0.32 1.73
O4' FAD B . 2.85 -0.01 2.71
C5' FAD B . 0.55 -0.35 2.08
O5' FAD B . 0.26 -0.11 3.46
P FAD B . -0.88 -0.90 4.22
O1P FAD B . -2.17 -0.87 3.40
O2P FAD B . -1.01 -0.41 5.61
O3P FAD B . -0.33 -2.39 4.22
C1 GLC C . 9.76 -1.17 -6.08
C2 GLC C . 9.30 0.27 -5.93
C3 GLC C . 10.28 1.33 -6.39
C4 GLC C . 11.71 0.96 -6.02
C5 GLC C . 12.00 -0.43 -6.54
C6 GLC C . 13.44 -0.86 -6.31
O1 GLC C . 9.35 -1.72 -7.34
O2 GLC C . 8.03 0.44 -6.58
O3 GLC C . 9.90 2.55 -5.78
O4 GLC C . 12.67 1.88 -6.57
O5 GLC C . 11.16 -1.35 -5.87
O6 GLC C . 13.73 -2.04 -7.07
S SO4 D . -8.79 -11.43 -23.59
O1 SO4 D . -8.58 -12.85 -23.30
O2 SO4 D . -7.49 -10.77 -23.74
O3 SO4 D . -9.52 -10.82 -22.49
O4 SO4 D . -9.55 -11.29 -24.82
C TRS E . 3.15 23.59 -27.05
C1 TRS E . 2.82 22.73 -28.26
C2 TRS E . 1.88 24.24 -26.48
C3 TRS E . 3.85 22.75 -25.99
N TRS E . 4.07 24.69 -27.50
O1 TRS E . 2.23 23.52 -29.28
O2 TRS E . 1.07 23.28 -25.85
O3 TRS E . 3.66 23.34 -24.72
S SO4 F . 3.34 -6.11 25.36
O1 SO4 F . 4.17 -7.20 25.88
O2 SO4 F . 3.50 -4.94 26.20
O3 SO4 F . 1.94 -6.52 25.36
O4 SO4 F . 3.75 -5.79 24.00
#